data_5XKL
#
_entry.id   5XKL
#
_cell.length_a   75.653
_cell.length_b   95.603
_cell.length_c   94.989
_cell.angle_alpha   90.00
_cell.angle_beta   90.00
_cell.angle_gamma   90.00
#
_symmetry.space_group_name_H-M   'C 2 2 21'
#
loop_
_entity.id
_entity.type
_entity.pdbx_description
1 polymer 'ESX-3 secretion-associated protein EspG3'
2 non-polymer 'SULFATE ION'
3 water water
#
_entity_poly.entity_id   1
_entity_poly.type   'polypeptide(L)'
_entity_poly.pdbx_seq_one_letter_code
;SMDATPNAVELTVDNAWFIAETIGAGTFPWVLAITMPYSDAAQRGAFVDRQRDELTRMGLLSPQGVINPAVADWIKVVCF
PDRWLDLRYVGPASADGACELLRGIVALRTGTGKTSNKTGNGVVALRNAQLVTFTAMDIDDPRALVPILGVGLAHRPPAR
FDEFSLPTRVGARADERLRSGVPLGEVVDYLGIPASARPVVESVFSGPRSYVEIVAGCNRDGRHTTTEVGLSIVDTSAGR
VLVSPSRAFDGEWVSTFSPGTPFAIAVAIQTLTACLPDGQWFPGQRVSRDFSTQSS
;
_entity_poly.pdbx_strand_id   A
#
loop_
_chem_comp.id
_chem_comp.type
_chem_comp.name
_chem_comp.formula
SO4 non-polymer 'SULFATE ION' 'O4 S -2'
#
# COMPACT_ATOMS: atom_id res chain seq x y z
N ASN A 7 7.26 16.55 11.87
CA ASN A 7 7.30 15.11 11.78
C ASN A 7 6.91 14.53 10.43
N ALA A 8 6.60 15.42 9.51
CA ALA A 8 6.21 15.05 8.17
C ALA A 8 6.77 16.03 7.16
N VAL A 9 6.91 15.60 5.93
CA VAL A 9 7.39 16.49 4.92
C VAL A 9 6.76 16.12 3.60
N GLU A 10 6.43 17.10 2.79
CA GLU A 10 5.85 16.82 1.51
C GLU A 10 6.85 17.22 0.46
N LEU A 11 7.08 16.33 -0.48
CA LEU A 11 8.03 16.58 -1.52
C LEU A 11 7.54 16.17 -2.85
N THR A 12 8.17 16.67 -3.89
CA THR A 12 7.84 16.20 -5.20
C THR A 12 8.56 14.86 -5.40
N VAL A 13 8.08 14.06 -6.33
CA VAL A 13 8.72 12.80 -6.58
C VAL A 13 10.16 13.01 -7.01
N ASP A 14 10.41 14.05 -7.76
CA ASP A 14 11.75 14.42 -8.17
C ASP A 14 12.61 14.80 -6.98
N ASN A 15 12.03 15.48 -6.02
CA ASN A 15 12.78 15.87 -4.84
C ASN A 15 13.25 14.62 -4.13
N ALA A 16 12.32 13.69 -4.00
CA ALA A 16 12.52 12.44 -3.30
C ALA A 16 13.52 11.53 -3.94
N TRP A 17 13.50 11.49 -5.26
CA TRP A 17 14.45 10.73 -6.00
C TRP A 17 15.84 11.26 -5.76
N PHE A 18 16.01 12.57 -5.74
CA PHE A 18 17.30 13.15 -5.48
C PHE A 18 17.83 12.78 -4.12
N ILE A 19 16.97 12.78 -3.13
CA ILE A 19 17.35 12.38 -1.81
C ILE A 19 17.72 10.91 -1.78
N ALA A 20 17.04 10.08 -2.53
CA ALA A 20 17.34 8.68 -2.63
C ALA A 20 18.72 8.46 -3.20
N GLU A 21 19.13 9.25 -4.17
CA GLU A 21 20.47 9.13 -4.70
C GLU A 21 21.50 9.46 -3.65
N THR A 22 21.21 10.48 -2.87
CA THR A 22 22.03 10.95 -1.80
C THR A 22 22.35 9.88 -0.77
N ILE A 23 21.43 8.98 -0.51
CA ILE A 23 21.67 7.90 0.40
C ILE A 23 22.06 6.60 -0.29
N GLY A 24 22.37 6.68 -1.57
CA GLY A 24 22.74 5.55 -2.36
C GLY A 24 21.75 4.44 -2.53
N ALA A 25 20.50 4.77 -2.74
CA ALA A 25 19.47 3.78 -2.90
C ALA A 25 19.27 3.55 -4.35
N GLY A 26 19.33 2.31 -4.75
CA GLY A 26 19.16 1.98 -6.14
C GLY A 26 17.79 2.32 -6.62
N THR A 27 16.79 2.06 -5.82
CA THR A 27 15.42 2.36 -6.15
C THR A 27 14.59 2.62 -4.93
N PHE A 28 13.42 3.13 -5.17
CA PHE A 28 12.41 3.19 -4.15
C PHE A 28 11.64 1.85 -4.18
N PRO A 29 10.82 1.58 -3.18
CA PRO A 29 10.05 0.35 -3.22
C PRO A 29 9.15 0.41 -4.41
N TRP A 30 8.91 -0.72 -5.03
CA TRP A 30 8.19 -0.81 -6.27
C TRP A 30 6.82 -0.20 -6.24
N VAL A 31 6.13 -0.37 -5.14
CA VAL A 31 4.78 0.10 -5.00
C VAL A 31 4.57 1.59 -5.20
N LEU A 32 5.54 2.37 -4.78
CA LEU A 32 5.52 3.80 -4.87
C LEU A 32 5.54 4.35 -6.25
N ALA A 33 6.18 3.61 -7.12
CA ALA A 33 6.38 3.92 -8.50
C ALA A 33 7.18 5.17 -8.72
N ILE A 34 8.11 5.43 -7.83
CA ILE A 34 8.99 6.54 -8.02
C ILE A 34 10.22 5.99 -8.71
N THR A 35 10.24 6.12 -10.01
CA THR A 35 11.30 5.62 -10.85
C THR A 35 12.22 6.71 -11.31
N MET A 36 13.40 6.34 -11.76
CA MET A 36 14.39 7.29 -12.17
C MET A 36 13.82 8.17 -13.24
N PRO A 37 13.86 9.46 -12.99
CA PRO A 37 13.27 10.45 -13.90
C PRO A 37 14.11 10.90 -15.07
N TYR A 38 15.34 10.52 -15.13
CA TYR A 38 16.20 10.93 -16.22
C TYR A 38 16.87 9.74 -16.86
N SER A 39 17.38 9.94 -18.08
CA SER A 39 18.00 8.84 -18.79
C SER A 39 19.47 8.95 -19.11
N ASP A 40 20.00 10.15 -19.20
CA ASP A 40 21.39 10.28 -19.62
C ASP A 40 22.14 11.32 -18.88
N ALA A 41 23.43 11.37 -19.11
CA ALA A 41 24.26 12.31 -18.42
C ALA A 41 23.81 13.74 -18.58
N ALA A 42 23.35 14.11 -19.76
CA ALA A 42 22.88 15.46 -19.98
C ALA A 42 21.66 15.78 -19.13
N GLN A 43 20.72 14.86 -19.09
CA GLN A 43 19.51 15.06 -18.32
C GLN A 43 19.76 15.11 -16.85
N ARG A 44 20.69 14.30 -16.40
CA ARG A 44 20.99 14.26 -14.99
C ARG A 44 21.50 15.59 -14.51
N GLY A 45 22.38 16.19 -15.28
CA GLY A 45 22.95 17.44 -14.85
C GLY A 45 21.87 18.47 -14.69
N ALA A 46 20.96 18.53 -15.62
CA ALA A 46 19.89 19.49 -15.51
C ALA A 46 19.01 19.16 -14.33
N PHE A 47 18.73 17.90 -14.14
CA PHE A 47 17.91 17.47 -13.06
C PHE A 47 18.54 17.80 -11.74
N VAL A 48 19.81 17.52 -11.59
CA VAL A 48 20.48 17.78 -10.36
C VAL A 48 20.52 19.25 -10.05
N ASP A 49 20.74 20.06 -11.07
CA ASP A 49 20.80 21.48 -10.84
C ASP A 49 19.48 21.99 -10.35
N ARG A 50 18.41 21.52 -10.95
CA ARG A 50 17.10 21.91 -10.57
C ARG A 50 16.74 21.48 -9.17
N GLN A 51 17.12 20.26 -8.82
CA GLN A 51 16.81 19.73 -7.52
C GLN A 51 17.59 20.41 -6.43
N ARG A 52 18.83 20.76 -6.73
CA ARG A 52 19.66 21.38 -5.73
C ARG A 52 19.16 22.76 -5.40
N ASP A 53 18.63 23.45 -6.38
CA ASP A 53 18.08 24.76 -6.16
C ASP A 53 16.78 24.66 -5.41
N GLU A 54 15.91 23.74 -5.79
CA GLU A 54 14.65 23.57 -5.09
C GLU A 54 14.75 23.17 -3.64
N LEU A 55 15.59 22.18 -3.33
CA LEU A 55 15.71 21.70 -1.96
C LEU A 55 16.25 22.80 -1.09
N THR A 56 17.14 23.52 -1.70
CA THR A 56 17.79 24.71 -1.18
C THR A 56 16.75 25.79 -0.96
N ARG A 57 15.87 26.04 -1.88
CA ARG A 57 14.91 27.07 -1.61
C ARG A 57 14.00 26.65 -0.47
N MET A 58 13.80 25.37 -0.30
CA MET A 58 12.93 24.88 0.75
C MET A 58 13.64 24.75 2.06
N GLY A 59 14.94 24.94 2.04
CA GLY A 59 15.70 24.80 3.24
C GLY A 59 16.01 23.39 3.62
N LEU A 60 15.70 22.46 2.71
CA LEU A 60 16.07 21.05 2.85
C LEU A 60 17.57 20.81 2.66
N LEU A 61 18.15 21.52 1.72
CA LEU A 61 19.55 21.40 1.41
C LEU A 61 20.29 22.59 2.00
N SER A 62 21.19 22.30 2.91
CA SER A 62 21.92 23.36 3.52
C SER A 62 22.97 23.87 2.59
N PRO A 63 23.42 25.09 2.82
CA PRO A 63 24.47 25.73 2.02
C PRO A 63 25.74 24.91 1.91
N GLN A 64 26.05 24.20 2.97
CA GLN A 64 27.19 23.32 2.96
C GLN A 64 26.93 22.09 2.08
N GLY A 65 25.72 21.94 1.57
CA GLY A 65 25.41 20.87 0.67
C GLY A 65 24.91 19.58 1.25
N VAL A 66 24.33 19.64 2.44
CA VAL A 66 23.83 18.47 3.10
C VAL A 66 22.33 18.52 3.24
N ILE A 67 21.68 17.38 3.07
CA ILE A 67 20.24 17.28 3.22
C ILE A 67 19.92 17.04 4.67
N ASN A 68 18.87 17.68 5.17
CA ASN A 68 18.36 17.52 6.51
C ASN A 68 18.35 16.07 6.91
N PRO A 69 19.25 15.73 7.79
CA PRO A 69 19.44 14.35 8.18
C PRO A 69 18.20 13.66 8.61
N ALA A 70 17.25 14.36 9.17
CA ALA A 70 16.06 13.70 9.61
C ALA A 70 15.30 13.25 8.41
N VAL A 71 15.20 14.12 7.43
CA VAL A 71 14.49 13.81 6.23
C VAL A 71 15.18 12.72 5.47
N ALA A 72 16.49 12.78 5.40
CA ALA A 72 17.23 11.77 4.69
C ALA A 72 17.08 10.40 5.33
N ASP A 73 17.04 10.37 6.65
CA ASP A 73 16.87 9.16 7.36
C ASP A 73 15.53 8.51 7.06
N TRP A 74 14.48 9.31 7.00
CA TRP A 74 13.16 8.76 6.77
C TRP A 74 13.14 8.06 5.44
N ILE A 75 13.76 8.70 4.48
CA ILE A 75 13.85 8.14 3.17
C ILE A 75 14.76 6.93 3.15
N LYS A 76 15.68 6.87 4.08
CA LYS A 76 16.53 5.71 4.16
C LYS A 76 15.70 4.56 4.68
N VAL A 77 14.80 4.83 5.59
CA VAL A 77 13.96 3.79 6.12
C VAL A 77 13.04 3.23 5.05
N VAL A 78 12.54 4.11 4.20
CA VAL A 78 11.63 3.69 3.17
C VAL A 78 12.33 2.90 2.10
N CYS A 79 13.57 3.20 1.85
CA CYS A 79 14.31 2.52 0.83
C CYS A 79 15.01 1.25 1.28
N PHE A 80 15.24 1.11 2.57
CA PHE A 80 15.90 -0.03 3.18
C PHE A 80 15.16 -0.49 4.42
N PRO A 81 13.91 -0.84 4.26
CA PRO A 81 13.11 -1.30 5.38
C PRO A 81 13.36 -2.70 5.89
N ASP A 82 13.30 -2.88 7.19
CA ASP A 82 13.40 -4.19 7.78
C ASP A 82 12.04 -4.87 7.76
N ARG A 83 10.99 -4.07 7.90
CA ARG A 83 9.63 -4.54 7.83
C ARG A 83 8.81 -3.52 7.05
N TRP A 84 7.82 -3.95 6.28
CA TRP A 84 7.03 -2.99 5.56
C TRP A 84 5.65 -3.42 5.17
N LEU A 85 4.78 -2.48 4.90
CA LEU A 85 3.47 -2.79 4.41
C LEU A 85 3.29 -2.00 3.14
N ASP A 86 2.95 -2.66 2.05
CA ASP A 86 2.73 -1.97 0.81
C ASP A 86 1.27 -1.59 0.72
N LEU A 87 0.97 -0.42 0.19
CA LEU A 87 -0.39 0.01 0.08
C LEU A 87 -0.65 0.42 -1.32
N ARG A 88 -1.40 -0.39 -2.03
CA ARG A 88 -1.73 -0.14 -3.41
C ARG A 88 -3.17 0.28 -3.49
N TYR A 89 -3.42 1.54 -3.78
CA TYR A 89 -4.78 2.06 -3.88
C TYR A 89 -5.28 1.97 -5.27
N VAL A 90 -6.50 1.51 -5.43
CA VAL A 90 -7.05 1.32 -6.75
C VAL A 90 -8.33 2.10 -6.86
N GLY A 91 -8.54 2.81 -7.94
CA GLY A 91 -9.74 3.59 -7.99
C GLY A 91 -10.37 3.74 -9.33
N PRO A 92 -11.63 4.14 -9.30
CA PRO A 92 -12.34 4.38 -10.55
C PRO A 92 -11.57 5.51 -11.19
N ALA A 93 -11.23 5.33 -12.46
CA ALA A 93 -10.47 6.33 -13.14
C ALA A 93 -11.26 7.61 -13.18
N SER A 94 -10.55 8.72 -13.12
CA SER A 94 -11.19 10.02 -13.19
C SER A 94 -11.79 10.21 -14.58
N ALA A 95 -12.79 11.08 -14.68
CA ALA A 95 -13.41 11.28 -15.97
C ALA A 95 -12.59 12.23 -16.83
N ASP A 96 -11.40 11.76 -17.18
CA ASP A 96 -10.46 12.43 -18.06
C ASP A 96 -9.70 11.35 -18.88
N GLY A 97 -10.13 10.09 -18.81
CA GLY A 97 -9.50 8.98 -19.50
C GLY A 97 -8.27 8.44 -18.80
N ALA A 98 -7.97 8.96 -17.61
CA ALA A 98 -6.75 8.61 -16.84
C ALA A 98 -6.89 8.18 -15.38
N CYS A 99 -6.07 7.20 -15.01
CA CYS A 99 -5.79 6.97 -13.57
CA CYS A 99 -5.91 7.01 -13.54
C CYS A 99 -4.87 7.65 -12.64
N GLU A 100 -4.80 8.60 -11.73
CA GLU A 100 -3.56 8.99 -11.09
C GLU A 100 -3.11 8.02 -10.01
N LEU A 101 -1.82 8.01 -9.73
CA LEU A 101 -1.26 7.10 -8.78
C LEU A 101 -1.39 7.48 -7.36
N LEU A 102 -1.92 6.56 -6.58
CA LEU A 102 -2.01 6.77 -5.15
C LEU A 102 -1.40 5.54 -4.53
N ARG A 103 -0.23 5.67 -3.94
CA ARG A 103 0.45 4.53 -3.38
C ARG A 103 1.10 4.83 -2.08
N GLY A 104 1.30 3.82 -1.27
CA GLY A 104 1.92 4.01 0.01
C GLY A 104 2.73 2.87 0.51
N ILE A 105 3.59 3.15 1.45
CA ILE A 105 4.34 2.12 2.09
C ILE A 105 4.53 2.47 3.54
N VAL A 106 4.45 1.49 4.40
CA VAL A 106 4.65 1.71 5.80
C VAL A 106 5.92 1.00 6.13
N ALA A 107 6.94 1.75 6.48
CA ALA A 107 8.21 1.15 6.77
C ALA A 107 8.68 1.34 8.19
N LEU A 108 9.16 0.26 8.78
CA LEU A 108 9.67 0.27 10.13
C LEU A 108 11.07 -0.23 10.11
N ARG A 109 11.89 0.29 11.01
CA ARG A 109 13.28 -0.10 11.08
C ARG A 109 13.63 -0.59 12.46
N THR A 110 14.72 -1.32 12.58
CA THR A 110 15.13 -1.83 13.88
C THR A 110 16.62 -1.61 14.12
N GLY A 111 17.19 -2.34 15.07
CA GLY A 111 18.62 -2.28 15.37
C GLY A 111 19.24 -1.52 16.52
N THR A 112 18.48 -0.61 17.10
CA THR A 112 18.98 0.16 18.21
C THR A 112 18.08 -0.09 19.41
N GLY A 113 16.78 -0.24 19.16
CA GLY A 113 15.85 -0.49 20.24
C GLY A 113 16.05 -1.87 20.82
N THR A 119 10.11 11.21 18.34
CA THR A 119 11.15 11.13 17.32
C THR A 119 10.73 10.21 16.19
N GLY A 120 10.81 8.90 16.43
CA GLY A 120 10.45 7.97 15.40
C GLY A 120 10.48 6.52 15.80
N ASN A 121 9.60 5.78 15.13
CA ASN A 121 9.48 4.35 15.25
C ASN A 121 9.52 3.80 13.85
N GLY A 122 8.72 4.38 12.99
CA GLY A 122 8.59 3.98 11.60
C GLY A 122 8.23 5.13 10.70
N VAL A 123 8.34 4.92 9.40
CA VAL A 123 8.00 5.96 8.45
C VAL A 123 6.91 5.57 7.46
N VAL A 124 6.02 6.50 7.18
CA VAL A 124 4.96 6.27 6.22
C VAL A 124 5.19 7.16 5.04
N ALA A 125 5.14 6.60 3.85
CA ALA A 125 5.32 7.38 2.66
C ALA A 125 4.09 7.22 1.86
N LEU A 126 3.50 8.33 1.46
CA LEU A 126 2.30 8.26 0.68
C LEU A 126 2.47 9.07 -0.56
N ARG A 127 2.32 8.44 -1.70
CA ARG A 127 2.52 9.12 -2.94
C ARG A 127 1.23 9.27 -3.71
N ASN A 128 0.90 10.51 -4.06
CA ASN A 128 -0.28 10.86 -4.81
C ASN A 128 0.16 11.71 -5.95
N ALA A 129 -0.02 11.24 -7.17
CA ALA A 129 0.39 11.93 -8.36
C ALA A 129 1.86 12.29 -8.33
N GLN A 130 2.17 13.55 -8.50
CA GLN A 130 3.54 14.00 -8.51
C GLN A 130 4.10 14.32 -7.15
N LEU A 131 3.36 14.08 -6.09
CA LEU A 131 3.85 14.38 -4.78
C LEU A 131 3.91 13.17 -3.89
N VAL A 132 4.81 13.19 -2.94
CA VAL A 132 4.92 12.14 -1.97
C VAL A 132 5.20 12.79 -0.63
N THR A 133 4.58 12.32 0.43
CA THR A 133 4.84 12.86 1.74
C THR A 133 5.36 11.79 2.66
N PHE A 134 6.33 12.13 3.48
CA PHE A 134 6.92 11.19 4.40
C PHE A 134 6.55 11.59 5.80
N THR A 135 6.00 10.66 6.56
CA THR A 135 5.61 10.96 7.91
C THR A 135 6.26 10.00 8.87
N ALA A 136 6.81 10.53 9.94
CA ALA A 136 7.46 9.72 10.93
C ALA A 136 6.52 9.55 12.08
N MET A 137 6.27 8.31 12.47
CA MET A 137 5.34 8.02 13.53
C MET A 137 5.56 6.66 14.13
N ASP A 138 4.84 6.35 15.19
CA ASP A 138 4.93 5.04 15.80
C ASP A 138 3.92 4.23 15.03
N ILE A 139 4.39 3.27 14.25
CA ILE A 139 3.49 2.49 13.45
C ILE A 139 3.09 1.20 14.13
N ASP A 140 3.39 1.06 15.41
CA ASP A 140 3.00 -0.15 16.11
C ASP A 140 1.68 -0.02 16.87
N ASP A 141 0.96 1.06 16.57
CA ASP A 141 -0.33 1.31 17.18
C ASP A 141 -1.38 1.31 16.09
N PRO A 142 -2.40 0.48 16.26
CA PRO A 142 -3.51 0.34 15.31
C PRO A 142 -4.46 1.52 15.27
N ARG A 143 -4.44 2.37 16.29
CA ARG A 143 -5.29 3.56 16.35
C ARG A 143 -4.73 4.72 15.52
N ALA A 144 -3.49 4.59 15.08
CA ALA A 144 -2.82 5.54 14.23
C ALA A 144 -2.64 4.88 12.88
N LEU A 145 -2.20 3.61 12.86
CA LEU A 145 -1.99 2.92 11.60
C LEU A 145 -3.21 2.65 10.72
N VAL A 146 -4.26 2.12 11.30
CA VAL A 146 -5.47 1.87 10.52
C VAL A 146 -6.06 3.10 9.82
N PRO A 147 -5.97 4.27 10.43
CA PRO A 147 -6.47 5.49 9.83
C PRO A 147 -5.69 5.85 8.58
N ILE A 148 -4.38 5.60 8.60
CA ILE A 148 -3.52 5.88 7.46
C ILE A 148 -3.96 5.17 6.21
N LEU A 149 -4.36 3.94 6.38
CA LEU A 149 -4.78 3.14 5.26
C LEU A 149 -5.97 3.73 4.56
N GLY A 150 -6.92 4.20 5.32
CA GLY A 150 -8.13 4.79 4.79
C GLY A 150 -8.04 6.08 3.99
N VAL A 151 -6.98 6.86 4.15
CA VAL A 151 -6.95 8.09 3.39
C VAL A 151 -7.14 7.89 1.89
N GLY A 152 -6.57 6.83 1.33
CA GLY A 152 -6.78 6.54 -0.08
C GLY A 152 -8.23 6.25 -0.38
N LEU A 153 -8.85 5.49 0.51
CA LEU A 153 -10.23 5.08 0.39
C LEU A 153 -11.21 6.21 0.60
N ALA A 154 -12.36 6.09 -0.01
CA ALA A 154 -13.42 7.06 0.22
C ALA A 154 -13.87 6.84 1.67
N HIS A 155 -14.19 7.92 2.37
CA HIS A 155 -14.60 7.77 3.76
C HIS A 155 -15.88 6.96 3.74
N ARG A 156 -15.94 5.94 4.60
CA ARG A 156 -17.10 5.05 4.69
C ARG A 156 -17.24 4.35 6.04
N PRO A 157 -18.40 3.78 6.27
CA PRO A 157 -18.64 2.99 7.48
C PRO A 157 -18.61 1.52 7.10
N PRO A 158 -18.27 0.67 8.05
CA PRO A 158 -18.19 -0.75 7.74
C PRO A 158 -19.52 -1.25 7.30
N ALA A 159 -19.55 -2.01 6.24
CA ALA A 159 -20.82 -2.57 5.80
C ALA A 159 -21.26 -3.66 6.75
N ARG A 160 -22.56 -3.92 6.75
CA ARG A 160 -23.09 -4.94 7.64
C ARG A 160 -23.62 -6.13 6.88
N PHE A 161 -23.06 -7.29 7.21
CA PHE A 161 -23.47 -8.54 6.65
C PHE A 161 -22.85 -9.69 7.42
N ASP A 162 -23.36 -10.87 7.21
CA ASP A 162 -22.78 -12.02 7.86
C ASP A 162 -21.56 -12.40 7.06
N GLU A 163 -20.51 -12.81 7.75
CA GLU A 163 -19.30 -13.19 7.08
C GLU A 163 -19.45 -14.40 6.23
N PHE A 164 -18.68 -14.46 5.16
CA PHE A 164 -18.64 -15.62 4.31
C PHE A 164 -17.26 -15.84 3.76
N SER A 165 -16.99 -17.04 3.30
CA SER A 165 -15.68 -17.38 2.80
C SER A 165 -15.73 -18.20 1.56
N LEU A 166 -14.62 -18.22 0.86
CA LEU A 166 -14.45 -19.00 -0.34
C LEU A 166 -12.98 -19.27 -0.56
N PRO A 167 -12.65 -20.32 -1.27
CA PRO A 167 -11.25 -20.62 -1.50
C PRO A 167 -10.65 -19.50 -2.30
N THR A 168 -9.44 -19.13 -1.96
CA THR A 168 -8.75 -18.04 -2.60
C THR A 168 -8.48 -18.26 -4.08
N ARG A 169 -8.16 -19.47 -4.47
CA ARG A 169 -7.94 -19.76 -5.87
C ARG A 169 -9.19 -19.50 -6.69
N VAL A 170 -10.33 -19.86 -6.14
CA VAL A 170 -11.58 -19.64 -6.79
C VAL A 170 -11.86 -18.18 -6.93
N GLY A 171 -11.55 -17.42 -5.92
CA GLY A 171 -11.78 -16.01 -5.97
C GLY A 171 -10.94 -15.33 -7.01
N ALA A 172 -9.69 -15.72 -7.07
CA ALA A 172 -8.77 -15.13 -8.02
C ALA A 172 -9.19 -15.42 -9.43
N ARG A 173 -9.62 -16.65 -9.67
CA ARG A 173 -10.03 -17.05 -10.98
C ARG A 173 -11.26 -16.28 -11.42
N ALA A 174 -12.17 -16.04 -10.51
CA ALA A 174 -13.37 -15.30 -10.82
C ALA A 174 -13.07 -13.88 -11.24
N ASP A 175 -12.11 -13.26 -10.55
CA ASP A 175 -11.71 -11.92 -10.84
C ASP A 175 -11.11 -11.86 -12.23
N GLU A 176 -10.33 -12.84 -12.56
CA GLU A 176 -9.72 -12.92 -13.86
C GLU A 176 -10.74 -13.10 -14.96
N ARG A 177 -11.74 -13.92 -14.72
CA ARG A 177 -12.78 -14.17 -15.66
C ARG A 177 -13.57 -12.91 -15.87
N LEU A 178 -13.86 -12.22 -14.80
CA LEU A 178 -14.60 -11.02 -14.87
C LEU A 178 -13.86 -9.97 -15.65
N ARG A 179 -12.56 -9.89 -15.42
CA ARG A 179 -11.75 -8.91 -16.12
C ARG A 179 -11.50 -9.27 -17.58
N SER A 180 -11.77 -10.52 -17.93
CA SER A 180 -11.59 -10.96 -19.30
C SER A 180 -12.87 -11.00 -20.10
N GLY A 181 -13.95 -10.54 -19.51
CA GLY A 181 -15.22 -10.51 -20.16
C GLY A 181 -16.30 -11.49 -19.80
N VAL A 182 -16.07 -12.41 -18.88
CA VAL A 182 -17.12 -13.30 -18.47
C VAL A 182 -18.08 -12.39 -17.74
N PRO A 183 -19.36 -12.49 -18.03
CA PRO A 183 -20.34 -11.63 -17.40
C PRO A 183 -20.45 -11.89 -15.93
N LEU A 184 -20.84 -10.86 -15.21
CA LEU A 184 -20.89 -10.91 -13.77
C LEU A 184 -21.81 -11.94 -13.20
N GLY A 185 -22.98 -12.12 -13.78
CA GLY A 185 -23.88 -13.12 -13.25
C GLY A 185 -23.25 -14.49 -13.33
N GLU A 186 -22.66 -14.80 -14.46
CA GLU A 186 -22.04 -16.08 -14.69
C GLU A 186 -20.90 -16.30 -13.72
N VAL A 187 -20.11 -15.28 -13.48
CA VAL A 187 -18.99 -15.38 -12.57
C VAL A 187 -19.47 -15.65 -11.17
N VAL A 188 -20.54 -14.97 -10.80
CA VAL A 188 -21.08 -15.14 -9.48
C VAL A 188 -21.55 -16.55 -9.25
N ASP A 189 -22.17 -17.13 -10.26
CA ASP A 189 -22.65 -18.48 -10.14
C ASP A 189 -21.48 -19.40 -9.90
N TYR A 190 -20.36 -19.08 -10.51
CA TYR A 190 -19.12 -19.86 -10.41
C TYR A 190 -18.59 -19.92 -8.99
N LEU A 191 -18.76 -18.82 -8.26
CA LEU A 191 -18.30 -18.73 -6.90
C LEU A 191 -18.97 -19.76 -6.01
N GLY A 192 -20.25 -20.00 -6.23
CA GLY A 192 -20.98 -20.96 -5.43
C GLY A 192 -21.31 -20.57 -4.00
N ILE A 193 -21.33 -19.28 -3.72
CA ILE A 193 -21.66 -18.82 -2.41
C ILE A 193 -23.16 -18.82 -2.19
N PRO A 194 -23.54 -18.56 -0.95
CA PRO A 194 -24.93 -18.52 -0.53
C PRO A 194 -25.62 -17.30 -1.07
N ALA A 195 -26.93 -17.37 -1.14
CA ALA A 195 -27.74 -16.32 -1.69
C ALA A 195 -27.57 -15.06 -0.91
N SER A 196 -27.41 -15.21 0.39
CA SER A 196 -27.23 -14.07 1.29
C SER A 196 -25.94 -13.34 0.97
N ALA A 197 -24.92 -14.11 0.67
CA ALA A 197 -23.61 -13.59 0.31
C ALA A 197 -23.57 -12.89 -1.02
N ARG A 198 -24.46 -13.24 -1.92
CA ARG A 198 -24.38 -12.74 -3.27
C ARG A 198 -24.39 -11.24 -3.46
N PRO A 199 -25.19 -10.53 -2.71
CA PRO A 199 -25.22 -9.08 -2.87
C PRO A 199 -23.88 -8.47 -2.54
N VAL A 200 -23.24 -8.94 -1.48
CA VAL A 200 -21.95 -8.39 -1.12
C VAL A 200 -20.84 -8.68 -2.09
N VAL A 201 -20.75 -9.91 -2.56
CA VAL A 201 -19.69 -10.27 -3.48
C VAL A 201 -19.78 -9.49 -4.78
N GLU A 202 -20.99 -9.26 -5.26
CA GLU A 202 -21.24 -8.48 -6.46
C GLU A 202 -20.75 -7.07 -6.26
N SER A 203 -20.96 -6.52 -5.07
CA SER A 203 -20.49 -5.19 -4.73
C SER A 203 -18.99 -5.18 -4.71
N VAL A 204 -18.39 -6.23 -4.19
CA VAL A 204 -16.96 -6.32 -4.12
C VAL A 204 -16.26 -6.50 -5.45
N PHE A 205 -16.79 -7.41 -6.25
CA PHE A 205 -16.25 -7.67 -7.57
C PHE A 205 -16.53 -6.68 -8.69
N SER A 206 -17.77 -6.27 -8.82
CA SER A 206 -18.20 -5.41 -9.90
C SER A 206 -18.16 -3.93 -9.72
N GLY A 207 -18.84 -3.27 -10.65
CA GLY A 207 -19.05 -1.84 -10.70
C GLY A 207 -17.92 -0.85 -10.78
N PRO A 208 -17.89 0.06 -9.81
CA PRO A 208 -16.86 1.10 -9.75
C PRO A 208 -15.47 0.53 -9.48
N ARG A 209 -15.40 -0.52 -8.65
CA ARG A 209 -14.14 -1.19 -8.30
C ARG A 209 -13.05 -0.31 -7.69
N SER A 210 -13.22 0.04 -6.41
CA SER A 210 -12.33 0.96 -5.64
C SER A 210 -11.80 0.46 -4.26
N TYR A 211 -10.50 0.19 -4.14
CA TYR A 211 -9.96 -0.36 -2.88
C TYR A 211 -8.45 -0.17 -2.61
N VAL A 212 -7.97 -0.75 -1.51
CA VAL A 212 -6.57 -0.73 -1.20
C VAL A 212 -6.15 -2.16 -1.00
N GLU A 213 -5.06 -2.57 -1.60
CA GLU A 213 -4.57 -3.92 -1.46
C GLU A 213 -3.30 -3.88 -0.65
N ILE A 214 -3.21 -4.71 0.34
CA ILE A 214 -2.06 -4.73 1.22
C ILE A 214 -1.30 -6.02 1.26
N VAL A 215 0.02 -5.91 1.16
CA VAL A 215 0.96 -7.01 1.18
C VAL A 215 2.04 -6.65 2.19
N ALA A 216 2.56 -7.62 2.93
CA ALA A 216 3.58 -7.33 3.90
C ALA A 216 4.89 -7.99 3.54
N GLY A 217 5.96 -7.44 4.06
CA GLY A 217 7.27 -7.95 3.77
C GLY A 217 8.25 -7.73 4.88
N CYS A 218 9.34 -8.44 4.84
CA CYS A 218 10.38 -8.30 5.83
C CYS A 218 11.74 -8.62 5.26
N ASN A 219 12.77 -8.20 5.95
CA ASN A 219 14.12 -8.39 5.50
C ASN A 219 14.99 -9.05 6.55
N ARG A 220 14.87 -10.37 6.66
CA ARG A 220 15.64 -11.15 7.61
C ARG A 220 16.98 -11.45 7.02
N ASP A 221 18.04 -11.16 7.77
CA ASP A 221 19.42 -11.28 7.32
C ASP A 221 19.42 -10.42 6.10
N GLY A 222 19.81 -10.99 4.98
CA GLY A 222 19.74 -10.25 3.74
C GLY A 222 18.63 -10.71 2.83
N ARG A 223 17.76 -11.57 3.35
CA ARG A 223 16.71 -12.14 2.53
C ARG A 223 15.39 -11.46 2.76
N HIS A 224 14.81 -10.99 1.67
CA HIS A 224 13.56 -10.30 1.72
C HIS A 224 12.46 -11.25 1.39
N THR A 225 11.44 -11.27 2.20
CA THR A 225 10.34 -12.15 1.97
C THR A 225 9.05 -11.37 2.01
N THR A 226 8.09 -11.77 1.20
CA THR A 226 6.80 -11.11 1.18
C THR A 226 5.70 -12.12 1.30
N THR A 227 4.56 -11.69 1.80
CA THR A 227 3.44 -12.56 1.94
C THR A 227 2.94 -12.99 0.58
N GLU A 228 2.66 -14.27 0.44
CA GLU A 228 2.16 -14.80 -0.81
C GLU A 228 0.74 -14.36 -1.11
N VAL A 229 0.09 -13.81 -0.11
CA VAL A 229 -1.26 -13.32 -0.24
C VAL A 229 -1.41 -11.98 0.46
N GLY A 230 -2.46 -11.25 0.15
CA GLY A 230 -2.68 -9.97 0.77
C GLY A 230 -4.12 -9.69 1.06
N LEU A 231 -4.38 -8.71 1.90
CA LEU A 231 -5.74 -8.35 2.21
C LEU A 231 -6.20 -7.15 1.42
N SER A 232 -7.51 -6.98 1.33
CA SER A 232 -8.08 -5.86 0.65
C SER A 232 -9.10 -5.17 1.50
N ILE A 233 -9.07 -3.85 1.54
CA ILE A 233 -10.08 -3.13 2.24
C ILE A 233 -10.80 -2.54 1.07
N VAL A 234 -12.02 -3.00 0.82
CA VAL A 234 -12.81 -2.55 -0.30
C VAL A 234 -13.95 -1.70 0.17
N ASP A 235 -14.37 -0.77 -0.64
CA ASP A 235 -15.53 -0.07 -0.21
C ASP A 235 -16.57 -0.11 -1.28
N THR A 236 -17.75 -0.53 -0.85
CA THR A 236 -18.87 -0.71 -1.73
C THR A 236 -19.97 0.27 -1.38
N SER A 237 -21.08 0.10 -2.08
CA SER A 237 -22.26 0.90 -1.85
C SER A 237 -22.78 0.62 -0.47
N ALA A 238 -22.78 -0.65 -0.11
CA ALA A 238 -23.21 -1.09 1.20
C ALA A 238 -22.31 -0.57 2.30
N GLY A 239 -21.01 -0.56 2.05
CA GLY A 239 -20.07 -0.09 3.04
C GLY A 239 -18.69 -0.67 2.80
N ARG A 240 -17.83 -0.57 3.79
CA ARG A 240 -16.49 -1.11 3.70
C ARG A 240 -16.52 -2.61 3.84
N VAL A 241 -15.79 -3.30 2.98
CA VAL A 241 -15.68 -4.74 3.06
C VAL A 241 -14.23 -5.13 3.17
N LEU A 242 -13.94 -6.03 4.08
CA LEU A 242 -12.61 -6.50 4.27
C LEU A 242 -12.48 -7.90 3.74
N VAL A 243 -11.48 -8.13 2.91
CA VAL A 243 -11.23 -9.43 2.35
C VAL A 243 -9.91 -9.91 2.89
N SER A 244 -9.96 -10.76 3.90
CA SER A 244 -8.76 -11.26 4.53
C SER A 244 -8.56 -12.72 4.19
N PRO A 245 -7.31 -13.12 4.04
CA PRO A 245 -6.99 -14.49 3.70
C PRO A 245 -6.46 -15.26 4.89
N SER A 246 -6.75 -16.54 4.91
CA SER A 246 -6.29 -17.44 5.95
C SER A 246 -6.09 -18.82 5.35
N ARG A 247 -5.25 -19.63 5.96
CA ARG A 247 -5.03 -20.93 5.42
C ARG A 247 -5.86 -21.89 6.24
N ALA A 248 -6.56 -22.78 5.58
CA ALA A 248 -7.38 -23.76 6.21
C ALA A 248 -6.58 -24.93 6.74
N PHE A 249 -7.26 -25.82 7.41
CA PHE A 249 -6.60 -26.96 8.00
C PHE A 249 -5.87 -27.83 6.99
N ASP A 250 -6.39 -27.96 5.77
CA ASP A 250 -5.73 -28.74 4.75
C ASP A 250 -4.69 -27.95 3.98
N GLY A 251 -4.52 -26.71 4.37
CA GLY A 251 -3.57 -25.82 3.74
C GLY A 251 -4.05 -24.99 2.57
N GLU A 252 -5.27 -25.19 2.10
CA GLU A 252 -5.75 -24.38 1.00
C GLU A 252 -6.02 -22.97 1.49
N TRP A 253 -5.74 -21.99 0.66
CA TRP A 253 -5.97 -20.62 1.02
C TRP A 253 -7.43 -20.29 0.97
N VAL A 254 -7.91 -19.57 1.95
CA VAL A 254 -9.30 -19.20 1.99
C VAL A 254 -9.45 -17.70 2.16
N SER A 255 -10.42 -17.13 1.51
CA SER A 255 -10.64 -15.71 1.62
C SER A 255 -11.91 -15.46 2.34
N THR A 256 -11.87 -14.56 3.31
CA THR A 256 -13.02 -14.28 4.10
C THR A 256 -13.50 -12.88 3.91
N PHE A 257 -14.78 -12.70 3.66
CA PHE A 257 -15.31 -11.38 3.50
C PHE A 257 -15.98 -10.97 4.77
N SER A 258 -15.44 -9.99 5.47
CA SER A 258 -16.03 -9.57 6.72
C SER A 258 -16.23 -8.07 6.74
N PRO A 259 -17.04 -7.58 7.67
CA PRO A 259 -17.27 -6.15 7.72
C PRO A 259 -15.98 -5.46 8.01
N GLY A 260 -15.71 -4.36 7.34
CA GLY A 260 -14.46 -3.68 7.51
C GLY A 260 -14.36 -2.70 8.64
N THR A 261 -14.52 -3.21 9.84
CA THR A 261 -14.37 -2.37 11.00
C THR A 261 -12.89 -2.17 11.29
N PRO A 262 -12.58 -1.15 12.06
CA PRO A 262 -11.20 -0.86 12.39
C PRO A 262 -10.56 -1.99 13.14
N PHE A 263 -11.29 -2.57 14.06
CA PHE A 263 -10.74 -3.68 14.80
C PHE A 263 -10.48 -4.85 13.89
N ALA A 264 -11.42 -5.12 13.02
CA ALA A 264 -11.30 -6.24 12.12
C ALA A 264 -10.13 -6.07 11.19
N ILE A 265 -9.95 -4.86 10.69
CA ILE A 265 -8.84 -4.58 9.81
C ILE A 265 -7.54 -4.73 10.55
N ALA A 266 -7.50 -4.23 11.78
CA ALA A 266 -6.30 -4.31 12.57
C ALA A 266 -5.87 -5.73 12.88
N VAL A 267 -6.84 -6.58 13.22
CA VAL A 267 -6.53 -7.98 13.50
C VAL A 267 -6.07 -8.67 12.25
N ALA A 268 -6.69 -8.35 11.13
CA ALA A 268 -6.33 -8.92 9.86
C ALA A 268 -4.89 -8.57 9.50
N ILE A 269 -4.48 -7.34 9.75
CA ILE A 269 -3.12 -6.97 9.48
C ILE A 269 -2.16 -7.74 10.38
N GLN A 270 -2.51 -7.89 11.65
CA GLN A 270 -1.63 -8.62 12.54
C GLN A 270 -1.50 -10.05 12.09
N THR A 271 -2.61 -10.68 11.71
CA THR A 271 -2.54 -12.04 11.23
C THR A 271 -1.77 -12.14 9.93
N LEU A 272 -1.93 -11.15 9.06
CA LEU A 272 -1.22 -11.15 7.79
C LEU A 272 0.28 -11.12 8.02
N THR A 273 0.72 -10.29 8.95
CA THR A 273 2.13 -10.24 9.26
C THR A 273 2.66 -11.51 9.87
N ALA A 274 1.83 -12.17 10.65
CA ALA A 274 2.20 -13.38 11.38
C ALA A 274 2.91 -14.42 10.52
N CYS A 275 2.49 -14.53 9.27
CA CYS A 275 3.07 -15.47 8.32
C CYS A 275 4.57 -15.26 8.10
N LEU A 276 5.03 -14.01 8.10
CA LEU A 276 6.44 -13.70 7.85
C LEU A 276 7.41 -14.28 8.86
N PRO A 277 8.61 -14.56 8.40
CA PRO A 277 9.65 -15.17 9.21
C PRO A 277 9.93 -14.29 10.39
N ASP A 278 10.18 -13.01 10.15
CA ASP A 278 10.38 -12.09 11.24
C ASP A 278 9.83 -10.75 10.81
N GLY A 279 8.53 -10.68 10.59
CA GLY A 279 7.95 -9.43 10.17
C GLY A 279 6.79 -8.77 10.88
N GLN A 280 7.02 -7.54 11.24
CA GLN A 280 5.97 -6.72 11.84
C GLN A 280 5.35 -7.21 13.13
N TRP A 281 4.42 -6.45 13.62
CA TRP A 281 3.71 -6.78 14.87
C TRP A 281 2.41 -6.00 15.02
S SO4 B . 2.31 -2.11 -9.74
O1 SO4 B . 1.78 -2.60 -8.50
O2 SO4 B . 1.23 -1.89 -10.66
O3 SO4 B . 2.98 -0.86 -9.49
O4 SO4 B . 3.24 -3.04 -10.31
#